data_7HDH
#
_entry.id   7HDH
#
_cell.length_a   88.853
_cell.length_b   88.853
_cell.length_c   39.488
_cell.angle_alpha   90.000
_cell.angle_beta   90.000
_cell.angle_gamma   90.000
#
_symmetry.space_group_name_H-M   'P 43'
#
loop_
_entity.id
_entity.type
_entity.pdbx_description
1 polymer 'Non-structural protein 3'
2 non-polymer [(2R)-5,5-dimethyl-1-(7H-pyrrolo[2,3-d]pyrimidin-4-yl)piperidin-2-yl]methanol
3 non-polymer [(2S)-5,5-dimethyl-1-(7H-pyrrolo[2,3-d]pyrimidin-4-yl)piperidin-2-yl]methanol
4 water water
#
_entity_poly.entity_id   1
_entity_poly.type   'polypeptide(L)'
_entity_poly.pdbx_seq_one_letter_code
;SMVNSFSGYLKLTDNVYIKNADIVEEAKKVKPTVVVNAANVYLKHGGGVAGALNKATNNAMQVESDDYIATNGPLKVGGS
CVLSGHNLAKHCLHVVGPNVNKGEDIQLLKSAYENFNQHEVLLAPLLSAGIFGADPIHSLRVCVDTVRTNVYLAVFDKNL
YDKLVSSFL
;
_entity_poly.pdbx_strand_id   A,B
#
# COMPACT_ATOMS: atom_id res chain seq x y z
N VAL A 3 -19.36 -8.70 12.35
N VAL A 3 -19.42 -8.80 12.50
CA VAL A 3 -18.87 -8.88 13.71
CA VAL A 3 -18.92 -9.00 13.85
C VAL A 3 -17.55 -9.65 13.70
C VAL A 3 -17.59 -9.73 13.81
N ASN A 4 -16.58 -9.18 14.48
CA ASN A 4 -15.27 -9.81 14.61
C ASN A 4 -14.94 -10.00 16.08
N SER A 5 -13.80 -10.64 16.34
N SER A 5 -13.79 -10.64 16.34
CA SER A 5 -13.41 -11.04 17.70
CA SER A 5 -13.39 -11.05 17.67
C SER A 5 -12.48 -10.04 18.37
C SER A 5 -12.46 -10.04 18.35
N PHE A 6 -12.31 -8.84 17.81
CA PHE A 6 -11.52 -7.81 18.47
C PHE A 6 -12.32 -7.25 19.64
N SER A 7 -11.67 -7.10 20.80
CA SER A 7 -12.35 -6.77 22.04
C SER A 7 -11.65 -5.60 22.75
N GLY A 8 -12.45 -4.71 23.34
CA GLY A 8 -11.90 -3.65 24.14
C GLY A 8 -11.36 -2.46 23.39
N TYR A 9 -11.68 -2.31 22.11
CA TYR A 9 -11.19 -1.18 21.33
C TYR A 9 -12.10 0.02 21.48
N LEU A 10 -11.47 1.20 21.44
CA LEU A 10 -12.19 2.47 21.33
C LEU A 10 -12.39 2.76 19.84
N LYS A 11 -13.59 3.16 19.48
CA LYS A 11 -13.92 3.47 18.09
C LYS A 11 -13.54 4.91 17.82
N LEU A 12 -12.65 5.14 16.85
CA LEU A 12 -12.27 6.51 16.50
C LEU A 12 -13.10 7.05 15.34
N THR A 13 -13.34 6.23 14.32
CA THR A 13 -14.10 6.62 13.14
C THR A 13 -14.94 5.43 12.70
N ASP A 14 -15.58 5.58 11.55
CA ASP A 14 -16.36 4.49 10.98
C ASP A 14 -15.55 3.21 10.88
N ASN A 15 -14.23 3.31 10.59
CA ASN A 15 -13.44 2.14 10.25
C ASN A 15 -12.15 1.99 11.05
N VAL A 16 -11.82 2.90 11.96
CA VAL A 16 -10.57 2.86 12.71
C VAL A 16 -10.89 2.71 14.20
N TYR A 17 -10.22 1.75 14.83
CA TYR A 17 -10.37 1.40 16.24
C TYR A 17 -8.98 1.36 16.88
N ILE A 18 -8.90 1.71 18.17
N ILE A 18 -8.94 1.42 18.22
CA ILE A 18 -7.59 1.88 18.82
CA ILE A 18 -7.68 1.44 18.94
C ILE A 18 -7.64 1.34 20.24
C ILE A 18 -7.82 0.77 20.31
N LYS A 19 -6.51 0.78 20.69
N LYS A 19 -6.75 0.08 20.73
CA LYS A 19 -6.41 0.13 21.99
CA LYS A 19 -6.68 -0.60 22.02
C LYS A 19 -4.98 0.21 22.50
C LYS A 19 -5.26 -0.45 22.58
N ASN A 20 -4.84 0.34 23.82
N ASN A 20 -5.15 -0.25 23.90
CA ASN A 20 -3.55 0.18 24.48
CA ASN A 20 -3.86 -0.11 24.55
C ASN A 20 -3.29 -1.31 24.64
C ASN A 20 -3.30 -1.50 24.82
N ALA A 21 -2.39 -1.86 23.82
N ALA A 21 -2.49 -1.99 23.88
CA ALA A 21 -2.16 -3.30 23.84
CA ALA A 21 -1.99 -3.36 23.96
C ALA A 21 -0.83 -3.61 23.21
C ALA A 21 -0.79 -3.54 23.05
N ASP A 22 -0.28 -4.77 23.58
N ASP A 22 0.03 -4.53 23.41
CA ASP A 22 0.89 -5.35 22.93
CA ASP A 22 1.09 -5.03 22.53
C ASP A 22 0.42 -6.13 21.71
C ASP A 22 0.47 -5.75 21.35
N ILE A 23 0.84 -5.69 20.53
N ILE A 23 0.83 -5.33 20.13
CA ILE A 23 0.36 -6.30 19.28
CA ILE A 23 0.29 -5.96 18.92
C ILE A 23 0.69 -7.79 19.24
C ILE A 23 0.57 -7.45 18.92
N VAL A 24 1.80 -8.20 19.88
N VAL A 24 1.71 -7.87 19.50
CA VAL A 24 2.14 -9.62 19.92
CA VAL A 24 2.03 -9.28 19.57
C VAL A 24 1.09 -10.40 20.68
C VAL A 24 1.03 -10.02 20.43
N GLU A 25 0.73 -9.90 21.88
N GLU A 25 0.67 -9.45 21.60
CA GLU A 25 -0.28 -10.59 22.67
CA GLU A 25 -0.32 -10.09 22.46
C GLU A 25 -1.66 -10.49 22.03
C GLU A 25 -1.70 -10.07 21.83
N GLU A 26 -1.96 -9.36 21.40
N GLU A 26 -2.05 -8.97 21.14
CA GLU A 26 -3.22 -9.22 20.67
CA GLU A 26 -3.32 -8.94 20.43
C GLU A 26 -3.32 -10.26 19.55
C GLU A 26 -3.36 -10.00 19.34
N ALA A 27 -2.25 -10.38 18.75
N ALA A 27 -2.22 -10.28 18.70
CA ALA A 27 -2.28 -11.31 17.63
CA ALA A 27 -2.20 -11.32 17.67
C ALA A 27 -2.48 -12.75 18.11
C ALA A 27 -2.29 -12.71 18.27
N LYS A 28 -1.76 -13.15 19.16
N LYS A 28 -1.59 -12.95 19.38
CA LYS A 28 -1.90 -14.50 19.68
CA LYS A 28 -1.63 -14.27 20.01
C LYS A 28 -3.32 -14.78 20.15
C LYS A 28 -3.02 -14.63 20.49
N LYS A 29 -3.98 -13.78 20.72
N LYS A 29 -3.84 -13.64 20.83
CA LYS A 29 -5.34 -13.98 21.22
CA LYS A 29 -5.18 -13.88 21.33
C LYS A 29 -6.35 -14.03 20.07
C LYS A 29 -6.22 -13.95 20.21
N VAL A 30 -6.30 -13.05 19.17
N VAL A 30 -6.15 -13.03 19.25
CA VAL A 30 -7.30 -12.94 18.12
CA VAL A 30 -7.19 -12.94 18.23
C VAL A 30 -7.00 -13.88 16.95
C VAL A 30 -6.92 -13.87 17.06
N LYS A 31 -5.72 -14.12 16.67
N LYS A 31 -5.66 -14.10 16.72
CA LYS A 31 -5.30 -14.81 15.46
CA LYS A 31 -5.27 -14.78 15.49
C LYS A 31 -5.97 -14.19 14.24
C LYS A 31 -5.99 -14.17 14.29
N PRO A 32 -5.74 -12.90 13.99
CA PRO A 32 -6.45 -12.23 12.90
C PRO A 32 -6.03 -12.76 11.54
N THR A 33 -6.83 -12.43 10.53
CA THR A 33 -6.47 -12.77 9.16
C THR A 33 -5.17 -12.10 8.77
N VAL A 34 -4.99 -10.84 9.16
CA VAL A 34 -3.81 -10.06 8.79
C VAL A 34 -3.29 -9.31 10.02
N VAL A 35 -2.02 -9.52 10.35
CA VAL A 35 -1.29 -8.65 11.26
C VAL A 35 -0.29 -7.86 10.43
N VAL A 36 -0.19 -6.56 10.69
CA VAL A 36 0.77 -5.69 10.02
C VAL A 36 2.06 -5.64 10.82
N ASN A 37 3.19 -5.82 10.13
CA ASN A 37 4.50 -5.60 10.70
C ASN A 37 5.04 -4.25 10.25
N ALA A 38 5.67 -3.55 11.20
N ALA A 38 5.65 -3.51 11.19
CA ALA A 38 6.47 -2.34 10.95
CA ALA A 38 6.31 -2.25 10.85
C ALA A 38 7.83 -2.76 10.43
C ALA A 38 7.74 -2.56 10.44
N ALA A 39 7.87 -3.04 9.13
N ALA A 39 7.93 -2.87 9.17
CA ALA A 39 9.05 -3.62 8.48
CA ALA A 39 9.19 -3.42 8.66
C ALA A 39 10.01 -2.54 7.98
C ALA A 39 10.08 -2.32 8.10
N ASN A 40 11.24 -2.97 7.69
N ASN A 40 11.35 -2.68 7.91
CA ASN A 40 12.18 -2.22 6.86
CA ASN A 40 12.27 -1.91 7.09
C ASN A 40 12.34 -2.91 5.52
C ASN A 40 12.43 -2.59 5.73
N VAL A 41 13.01 -2.24 4.58
N VAL A 41 13.12 -1.90 4.81
CA VAL A 41 13.06 -2.73 3.20
CA VAL A 41 13.19 -2.37 3.44
C VAL A 41 13.78 -4.06 3.09
C VAL A 41 13.93 -3.71 3.31
N TYR A 42 14.68 -4.36 4.03
N TYR A 42 14.72 -4.09 4.31
CA TYR A 42 15.44 -5.61 4.02
CA TYR A 42 15.49 -5.32 4.26
C TYR A 42 14.74 -6.72 4.79
C TYR A 42 14.80 -6.48 4.98
N LEU A 43 13.59 -6.43 5.37
N LEU A 43 13.61 -6.26 5.53
CA LEU A 43 12.89 -7.38 6.25
CA LEU A 43 12.92 -7.25 6.37
C LEU A 43 13.82 -7.94 7.33
C LEU A 43 13.85 -7.81 7.45
N LYS A 44 14.66 -7.07 7.89
N LYS A 44 14.69 -6.95 8.00
CA LYS A 44 15.51 -7.43 9.02
CA LYS A 44 15.53 -7.31 9.15
C LYS A 44 14.78 -7.03 10.30
C LYS A 44 14.75 -6.94 10.41
N HIS A 45 14.25 -8.03 11.00
N HIS A 45 14.18 -7.97 11.04
CA HIS A 45 13.30 -7.79 12.08
CA HIS A 45 13.28 -7.76 12.19
C HIS A 45 14.02 -7.74 13.43
C HIS A 45 14.12 -7.75 13.46
N GLY A 46 14.80 -6.67 13.61
N GLY A 46 14.57 -6.57 13.85
CA GLY A 46 15.74 -6.62 14.72
CA GLY A 46 15.49 -6.47 14.97
C GLY A 46 15.21 -6.05 16.02
C GLY A 46 14.84 -6.07 16.28
N GLY A 47 14.26 -5.13 15.93
N GLY A 47 13.95 -5.09 16.23
CA GLY A 47 13.79 -4.42 17.10
CA GLY A 47 13.37 -4.53 17.44
C GLY A 47 12.43 -3.81 16.84
C GLY A 47 11.99 -3.95 17.19
N GLY A 48 11.93 -3.08 17.84
N GLY A 48 11.44 -3.35 18.24
CA GLY A 48 10.62 -2.49 17.73
CA GLY A 48 10.09 -2.80 18.13
C GLY A 48 9.55 -3.56 17.54
C GLY A 48 9.10 -3.88 17.75
N VAL A 49 8.49 -3.17 16.83
N VAL A 49 8.10 -3.49 16.95
CA VAL A 49 7.40 -4.11 16.54
CA VAL A 49 7.07 -4.42 16.49
C VAL A 49 7.94 -5.33 15.79
C VAL A 49 7.71 -5.61 15.78
N ALA A 50 8.78 -5.10 14.77
N ALA A 50 8.66 -5.34 14.87
CA ALA A 50 9.27 -6.20 13.95
CA ALA A 50 9.20 -6.41 14.04
C ALA A 50 10.08 -7.19 14.77
C ALA A 50 9.95 -7.43 14.88
N GLY A 51 10.98 -6.69 15.61
N GLY A 51 10.85 -6.96 15.75
CA GLY A 51 11.77 -7.58 16.44
CA GLY A 51 11.57 -7.89 16.61
C GLY A 51 10.90 -8.39 17.39
C GLY A 51 10.64 -8.67 17.51
N ALA A 52 9.85 -7.77 17.94
N ALA A 52 9.58 -8.02 18.00
CA ALA A 52 8.96 -8.46 18.87
CA ALA A 52 8.65 -8.69 18.89
C ALA A 52 8.13 -9.51 18.16
C ALA A 52 7.81 -9.72 18.15
N LEU A 53 7.54 -9.16 17.00
N LEU A 53 7.30 -9.36 16.96
CA LEU A 53 6.75 -10.15 16.27
CA LEU A 53 6.62 -10.36 16.14
C LEU A 53 7.61 -11.33 15.86
C LEU A 53 7.56 -11.52 15.82
N ASN A 54 8.82 -11.07 15.38
N ASN A 54 8.76 -11.21 15.32
CA ASN A 54 9.66 -12.17 14.92
CA ASN A 54 9.67 -12.27 14.91
C ASN A 54 10.01 -13.11 16.08
C ASN A 54 10.06 -13.14 16.09
N LYS A 55 10.34 -12.53 17.25
CA LYS A 55 10.67 -13.33 18.43
C LYS A 55 9.52 -14.27 18.77
N ALA A 56 8.28 -13.78 18.67
CA ALA A 56 7.11 -14.60 18.98
C ALA A 56 6.95 -15.76 18.01
N THR A 57 7.49 -15.66 16.79
CA THR A 57 7.49 -16.76 15.83
C THR A 57 8.71 -17.67 15.96
N ASN A 58 9.53 -17.49 16.99
CA ASN A 58 10.71 -18.31 17.17
C ASN A 58 11.68 -18.17 16.00
N ASN A 59 11.73 -16.97 15.40
CA ASN A 59 12.61 -16.62 14.27
C ASN A 59 12.11 -17.17 12.93
N ALA A 60 10.96 -17.84 12.88
CA ALA A 60 10.47 -18.33 11.59
C ALA A 60 10.14 -17.18 10.64
N MET A 61 9.66 -16.06 11.17
CA MET A 61 9.40 -14.90 10.33
C MET A 61 10.69 -14.43 9.64
N GLN A 62 11.80 -14.38 10.38
CA GLN A 62 13.06 -13.95 9.79
C GLN A 62 13.55 -14.92 8.72
N VAL A 63 13.44 -16.23 8.98
CA VAL A 63 13.88 -17.22 8.01
C VAL A 63 13.10 -17.07 6.70
N GLU A 64 11.77 -16.93 6.81
CA GLU A 64 10.93 -16.74 5.63
C GLU A 64 11.30 -15.44 4.92
N SER A 65 11.53 -14.38 5.70
CA SER A 65 11.85 -13.09 5.14
C SER A 65 13.18 -13.10 4.38
N ASP A 66 14.17 -13.81 4.91
CA ASP A 66 15.47 -13.87 4.23
C ASP A 66 15.34 -14.54 2.87
N ASP A 67 14.53 -15.58 2.80
CA ASP A 67 14.27 -16.22 1.50
C ASP A 67 13.55 -15.26 0.57
N TYR A 68 12.58 -14.50 1.08
CA TYR A 68 11.87 -13.52 0.25
C TYR A 68 12.83 -12.51 -0.34
N ILE A 69 13.74 -11.95 0.48
CA ILE A 69 14.67 -10.95 -0.01
C ILE A 69 15.67 -11.55 -1.00
N ALA A 70 16.14 -12.76 -0.72
CA ALA A 70 17.08 -13.40 -1.64
C ALA A 70 16.46 -13.57 -3.03
N THR A 71 15.15 -13.78 -3.10
CA THR A 71 14.46 -13.97 -4.37
C THR A 71 14.10 -12.65 -5.03
N ASN A 72 13.60 -11.69 -4.25
CA ASN A 72 12.93 -10.51 -4.77
C ASN A 72 13.68 -9.21 -4.58
N GLY A 73 14.69 -9.16 -3.72
CA GLY A 73 15.33 -7.93 -3.38
C GLY A 73 14.50 -7.11 -2.40
N PRO A 74 15.06 -5.97 -1.98
CA PRO A 74 14.39 -5.18 -0.95
C PRO A 74 13.06 -4.60 -1.39
N LEU A 75 12.21 -4.34 -0.41
CA LEU A 75 11.00 -3.58 -0.64
C LEU A 75 11.34 -2.12 -0.91
N LYS A 76 10.34 -1.37 -1.38
CA LYS A 76 10.38 0.08 -1.45
C LYS A 76 9.92 0.68 -0.13
N VAL A 77 10.49 1.84 0.24
CA VAL A 77 9.88 2.62 1.31
C VAL A 77 8.49 3.05 0.84
N GLY A 78 7.48 2.79 1.67
CA GLY A 78 6.10 2.96 1.29
C GLY A 78 5.45 1.70 0.76
N GLY A 79 6.23 0.64 0.51
CA GLY A 79 5.73 -0.59 -0.05
C GLY A 79 5.47 -1.66 0.99
N SER A 80 5.11 -2.84 0.49
CA SER A 80 4.70 -3.95 1.36
C SER A 80 4.84 -5.27 0.63
N CYS A 81 4.81 -6.34 1.42
CA CYS A 81 4.62 -7.68 0.88
C CYS A 81 3.80 -8.50 1.87
N VAL A 82 3.08 -9.49 1.36
CA VAL A 82 2.31 -10.42 2.16
C VAL A 82 3.11 -11.70 2.34
N LEU A 83 3.36 -12.07 3.59
CA LEU A 83 4.03 -13.32 3.93
C LEU A 83 3.17 -14.05 4.96
N SER A 84 3.68 -15.19 5.44
CA SER A 84 2.92 -15.95 6.43
C SER A 84 2.79 -15.18 7.73
N GLY A 85 1.68 -15.41 8.43
CA GLY A 85 1.51 -14.94 9.79
C GLY A 85 2.01 -15.91 10.85
N HIS A 86 2.50 -17.07 10.44
CA HIS A 86 3.10 -18.05 11.36
C HIS A 86 2.08 -18.38 12.43
N ASN A 87 2.45 -18.37 13.71
CA ASN A 87 1.56 -18.71 14.81
C ASN A 87 0.76 -17.51 15.30
N LEU A 88 0.88 -16.36 14.63
N LEU A 88 0.88 -16.35 14.64
CA LEU A 88 0.27 -15.12 15.11
CA LEU A 88 0.26 -15.12 15.12
C LEU A 88 -0.98 -14.72 14.34
C LEU A 88 -0.95 -14.67 14.32
N ALA A 89 -1.08 -15.09 13.07
CA ALA A 89 -2.13 -14.64 12.18
C ALA A 89 -2.08 -15.54 10.95
N LYS A 90 -3.12 -15.45 10.11
CA LYS A 90 -3.03 -16.14 8.83
C LYS A 90 -1.90 -15.57 7.98
N HIS A 91 -1.89 -14.25 7.81
CA HIS A 91 -0.92 -13.55 7.00
C HIS A 91 -0.28 -12.42 7.80
N CYS A 92 0.95 -12.09 7.45
CA CYS A 92 1.59 -10.87 7.90
C CYS A 92 1.81 -9.95 6.71
N LEU A 93 1.24 -8.75 6.79
CA LEU A 93 1.50 -7.69 5.82
C LEU A 93 2.67 -6.86 6.34
N HIS A 94 3.85 -7.05 5.72
CA HIS A 94 5.04 -6.28 6.09
C HIS A 94 4.98 -4.96 5.34
N VAL A 95 4.87 -3.85 6.07
CA VAL A 95 4.70 -2.53 5.49
C VAL A 95 5.87 -1.66 5.92
N VAL A 96 6.50 -0.97 4.97
CA VAL A 96 7.64 -0.11 5.25
C VAL A 96 7.19 1.35 5.28
N GLY A 97 7.04 1.90 6.48
N GLY A 97 7.13 1.94 6.47
CA GLY A 97 6.88 3.31 6.65
CA GLY A 97 6.96 3.38 6.58
C GLY A 97 8.25 3.98 6.63
C GLY A 97 8.28 4.09 6.37
N PRO A 98 8.29 5.26 6.31
N PRO A 98 8.23 5.39 6.06
CA PRO A 98 9.57 5.98 6.35
CA PRO A 98 9.48 6.15 5.92
C PRO A 98 10.16 6.00 7.75
C PRO A 98 10.19 6.33 7.25
N ASN A 99 11.48 5.84 7.83
N ASN A 99 11.51 6.23 7.22
CA ASN A 99 12.22 5.94 9.07
CA ASN A 99 12.37 6.46 8.38
C ASN A 99 12.86 7.32 9.13
C ASN A 99 12.90 7.88 8.30
N VAL A 100 12.31 8.19 10.00
N VAL A 100 12.29 8.79 9.06
CA VAL A 100 12.81 9.55 10.12
CA VAL A 100 12.68 10.19 9.01
C VAL A 100 14.27 9.55 10.58
C VAL A 100 14.11 10.38 9.49
N ASN A 101 14.66 8.56 11.38
N ASN A 101 14.58 9.49 10.37
CA ASN A 101 16.05 8.44 11.83
CA ASN A 101 15.99 9.55 10.77
C ASN A 101 16.99 8.00 10.71
C ASN A 101 16.94 9.05 9.70
N LYS A 102 16.47 7.72 9.51
N LYS A 102 16.43 8.43 8.64
CA LYS A 102 17.29 7.50 8.33
CA LYS A 102 17.21 8.11 7.45
C LYS A 102 17.15 8.63 7.31
C LYS A 102 17.07 9.17 6.36
N GLY A 103 16.38 9.67 7.63
N GLY A 103 16.44 10.30 6.68
CA GLY A 103 16.19 10.78 6.71
CA GLY A 103 16.20 11.33 5.67
C GLY A 103 15.14 10.56 5.64
C GLY A 103 15.10 11.02 4.69
N GLU A 104 14.27 9.56 5.80
N GLU A 104 14.18 10.12 5.04
CA GLU A 104 13.33 9.21 4.75
CA GLU A 104 13.17 9.65 4.10
C GLU A 104 12.11 10.12 4.77
C GLU A 104 11.90 10.50 4.19
N ASP A 105 11.55 10.35 3.58
N ASP A 105 11.19 10.57 3.06
CA ASP A 105 10.51 11.36 3.38
CA ASP A 105 10.12 11.53 2.86
C ASP A 105 9.23 10.94 4.10
C ASP A 105 8.89 11.14 3.70
N ILE A 106 8.77 11.79 5.03
N ILE A 106 8.46 12.05 4.58
CA ILE A 106 7.57 11.48 5.80
CA ILE A 106 7.29 11.79 5.41
C ILE A 106 6.33 11.45 4.93
C ILE A 106 6.05 11.55 4.56
N GLN A 107 6.37 12.12 3.76
N GLN A 107 6.00 12.14 3.36
CA GLN A 107 5.25 12.06 2.83
CA GLN A 107 4.84 11.93 2.49
C GLN A 107 4.96 10.64 2.38
C GLN A 107 4.65 10.45 2.19
N LEU A 108 5.94 9.73 2.47
N LEU A 108 5.73 9.67 2.22
CA LEU A 108 5.74 8.34 2.08
CA LEU A 108 5.64 8.24 2.00
C LEU A 108 4.88 7.58 3.07
C LEU A 108 4.86 7.52 3.10
N LEU A 109 4.55 8.18 4.21
CA LEU A 109 3.70 7.52 5.20
C LEU A 109 2.30 7.25 4.64
N LYS A 110 1.77 8.18 3.84
CA LYS A 110 0.46 7.93 3.23
C LYS A 110 0.52 6.73 2.29
N SER A 111 1.57 6.66 1.46
CA SER A 111 1.71 5.52 0.57
C SER A 111 1.79 4.21 1.37
N ALA A 112 2.50 4.23 2.50
CA ALA A 112 2.60 3.05 3.34
C ALA A 112 1.23 2.60 3.82
N TYR A 113 0.42 3.53 4.32
CA TYR A 113 -0.91 3.17 4.81
C TYR A 113 -1.84 2.71 3.68
N GLU A 114 -1.62 3.18 2.44
CA GLU A 114 -2.47 2.73 1.33
C GLU A 114 -2.43 1.22 1.17
N ASN A 115 -1.33 0.57 1.56
CA ASN A 115 -1.27 -0.88 1.46
C ASN A 115 -2.37 -1.55 2.28
N PHE A 116 -2.81 -0.91 3.37
CA PHE A 116 -3.83 -1.52 4.21
C PHE A 116 -5.16 -1.69 3.45
N ASN A 117 -5.40 -0.85 2.43
CA ASN A 117 -6.68 -0.89 1.74
C ASN A 117 -6.87 -2.15 0.90
N GLN A 118 -5.82 -2.96 0.73
CA GLN A 118 -5.94 -4.22 0.02
C GLN A 118 -6.44 -5.35 0.91
N HIS A 119 -6.78 -5.06 2.17
CA HIS A 119 -7.20 -6.07 3.13
C HIS A 119 -8.42 -5.56 3.89
N GLU A 120 -9.45 -6.40 4.00
CA GLU A 120 -10.72 -5.95 4.55
C GLU A 120 -10.63 -5.61 6.05
N VAL A 121 -9.80 -6.36 6.79
CA VAL A 121 -9.63 -6.17 8.23
C VAL A 121 -8.18 -6.43 8.59
N LEU A 122 -7.60 -5.57 9.43
CA LEU A 122 -6.21 -5.73 9.85
C LEU A 122 -6.02 -5.36 11.30
N LEU A 123 -5.09 -6.04 11.96
N LEU A 123 -5.12 -6.09 11.96
CA LEU A 123 -4.50 -5.61 13.22
CA LEU A 123 -4.55 -5.72 13.26
C LEU A 123 -3.16 -4.95 12.88
C LEU A 123 -3.21 -5.07 12.96
N ALA A 124 -2.88 -3.79 13.49
N ALA A 124 -3.08 -3.78 13.27
CA ALA A 124 -1.73 -3.03 13.03
CA ALA A 124 -1.94 -3.01 12.78
C ALA A 124 -1.18 -2.13 14.12
C ALA A 124 -1.34 -2.14 13.87
N PRO A 125 0.10 -1.77 14.02
N PRO A 125 -0.05 -1.85 13.77
CA PRO A 125 0.67 -0.66 14.80
CA PRO A 125 0.59 -0.90 14.68
C PRO A 125 0.56 0.64 14.00
C PRO A 125 0.59 0.49 14.03
N LEU A 126 0.86 1.74 14.67
N LEU A 126 0.95 1.50 14.81
CA LEU A 126 1.03 3.02 13.99
CA LEU A 126 1.25 2.79 14.18
C LEU A 126 2.35 3.03 13.21
C LEU A 126 2.52 2.65 13.34
N LEU A 127 2.24 3.16 11.90
N LEU A 127 2.50 3.22 12.15
CA LEU A 127 3.39 3.15 11.02
CA LEU A 127 3.66 3.16 11.26
C LEU A 127 4.30 4.34 11.32
C LEU A 127 4.50 4.43 11.38
N SER A 128 5.60 4.08 11.27
N SER A 128 5.79 4.26 11.15
CA SER A 128 6.66 5.05 11.45
CA SER A 128 6.83 5.30 11.16
C SER A 128 6.76 5.58 12.88
C SER A 128 7.13 5.88 12.53
N ALA A 129 5.95 5.06 13.80
N ALA A 129 6.49 5.40 13.60
CA ALA A 129 6.07 5.43 15.20
CA ALA A 129 6.82 5.85 14.95
C ALA A 129 7.21 4.65 15.86
C ALA A 129 8.00 5.04 15.48
N GLY A 130 7.38 4.85 17.17
N GLY A 130 8.33 5.21 16.76
CA GLY A 130 8.41 4.13 17.88
CA GLY A 130 9.46 4.50 17.32
C GLY A 130 9.78 4.44 17.32
C GLY A 130 10.75 4.94 16.65
N ILE A 131 10.58 3.39 17.11
N ILE A 131 11.59 3.97 16.29
CA ILE A 131 11.97 3.56 16.67
CA ILE A 131 12.91 4.28 15.77
C ILE A 131 12.11 4.09 15.25
C ILE A 131 12.87 5.03 14.45
N PHE A 132 11.01 4.19 14.49
N PHE A 132 11.76 4.94 13.71
CA PHE A 132 11.06 4.82 13.18
CA PHE A 132 11.67 5.66 12.45
C PHE A 132 11.05 6.34 13.25
C PHE A 132 11.49 7.16 12.62
N GLY A 133 10.78 6.93 14.42
N GLY A 133 11.33 7.63 13.86
CA GLY A 133 11.07 8.32 14.67
CA GLY A 133 11.50 9.03 14.18
C GLY A 133 10.01 9.34 14.27
C GLY A 133 10.25 9.88 14.08
N ALA A 134 8.85 8.92 13.77
N ALA A 134 9.25 9.48 13.30
CA ALA A 134 7.82 9.88 13.41
CA ALA A 134 8.11 10.35 13.06
C ALA A 134 6.91 10.19 14.60
C ALA A 134 7.22 10.47 14.31
N ASP A 135 6.16 11.28 14.45
N ASP A 135 6.44 11.54 14.34
CA ASP A 135 5.18 11.71 15.46
CA ASP A 135 5.57 11.81 15.47
C ASP A 135 3.99 10.77 15.42
C ASP A 135 4.34 10.92 15.40
N PRO A 136 3.71 10.03 16.49
N PRO A 136 4.06 10.10 16.42
CA PRO A 136 2.57 9.09 16.45
CA PRO A 136 2.86 9.25 16.38
C PRO A 136 1.21 9.74 16.27
C PRO A 136 1.56 10.02 16.17
N ILE A 137 1.03 10.97 16.76
N ILE A 137 1.45 11.25 16.66
CA ILE A 137 -0.22 11.68 16.51
CA ILE A 137 0.25 12.04 16.44
C ILE A 137 -0.41 11.90 15.02
C ILE A 137 -0.03 12.17 14.95
N HIS A 138 0.65 12.32 14.34
N HIS A 138 1.01 12.43 14.16
CA HIS A 138 0.61 12.48 12.89
CA HIS A 138 0.82 12.54 12.71
C HIS A 138 0.32 11.15 12.21
C HIS A 138 0.46 11.19 12.09
N SER A 139 1.02 10.10 12.62
CA SER A 139 0.76 8.78 12.03
C SER A 139 -0.70 8.38 12.16
N LEU A 140 -1.30 8.63 13.31
CA LEU A 140 -2.72 8.30 13.49
C LEU A 140 -3.58 9.11 12.53
N ARG A 141 -3.27 10.40 12.36
CA ARG A 141 -4.03 11.24 11.46
C ARG A 141 -3.96 10.72 10.03
N VAL A 142 -2.76 10.37 9.57
CA VAL A 142 -2.61 9.83 8.23
C VAL A 142 -3.37 8.51 8.09
N CYS A 143 -3.30 7.66 9.11
CA CYS A 143 -4.03 6.40 9.07
C CYS A 143 -5.52 6.66 8.86
N VAL A 144 -6.11 7.52 9.69
CA VAL A 144 -7.54 7.78 9.61
C VAL A 144 -7.92 8.36 8.26
N ASP A 145 -7.07 9.21 7.70
CA ASP A 145 -7.36 9.89 6.44
C ASP A 145 -6.97 9.08 5.21
N THR A 146 -6.41 7.89 5.37
CA THR A 146 -5.93 7.07 4.25
C THR A 146 -6.58 5.71 4.20
N VAL A 147 -6.66 5.01 5.34
CA VAL A 147 -7.20 3.66 5.36
C VAL A 147 -8.72 3.72 5.36
N ARG A 148 -9.32 2.95 4.46
CA ARG A 148 -10.76 2.84 4.33
C ARG A 148 -11.30 1.49 4.78
N THR A 149 -10.44 0.49 4.88
CA THR A 149 -10.81 -0.82 5.40
C THR A 149 -10.75 -0.77 6.93
N ASN A 150 -11.13 -1.87 7.57
CA ASN A 150 -11.31 -1.88 9.03
C ASN A 150 -9.98 -2.17 9.70
N VAL A 151 -9.47 -1.19 10.44
CA VAL A 151 -8.15 -1.30 11.05
C VAL A 151 -8.26 -1.18 12.56
N TYR A 152 -7.65 -2.16 13.24
CA TYR A 152 -7.59 -2.25 14.69
C TYR A 152 -6.15 -1.96 15.10
N LEU A 153 -5.94 -0.79 15.70
CA LEU A 153 -4.62 -0.30 16.04
C LEU A 153 -4.29 -0.68 17.49
N ALA A 154 -3.12 -1.30 17.67
N ALA A 154 -3.18 -1.37 17.68
CA ALA A 154 -2.57 -1.60 18.98
CA ALA A 154 -2.69 -1.75 19.00
C ALA A 154 -1.45 -0.61 19.27
C ALA A 154 -1.47 -0.90 19.31
N VAL A 155 -1.57 0.10 20.38
N VAL A 155 -1.54 -0.12 20.39
CA VAL A 155 -0.57 1.04 20.85
CA VAL A 155 -0.50 0.83 20.75
C VAL A 155 0.02 0.49 22.15
C VAL A 155 -0.03 0.51 22.16
N PHE A 156 1.33 0.22 22.13
N PHE A 156 1.18 -0.04 22.27
CA PHE A 156 1.95 -0.48 23.26
CA PHE A 156 1.68 -0.48 23.58
C PHE A 156 2.02 0.41 24.51
C PHE A 156 2.50 0.63 24.25
N ASP A 157 2.41 1.66 24.34
N ASP A 157 1.80 1.71 24.59
CA ASP A 157 2.66 2.54 25.47
CA ASP A 157 2.36 2.77 25.44
C ASP A 157 1.34 3.13 25.97
C ASP A 157 1.21 3.60 25.95
N LYS A 158 1.04 2.91 27.26
N LYS A 158 0.95 3.52 27.26
CA LYS A 158 -0.23 3.38 27.80
CA LYS A 158 -0.21 4.18 27.84
C LYS A 158 -0.29 4.90 27.82
C LYS A 158 -0.14 5.69 27.65
N ASN A 159 0.80 5.55 28.21
N ASN A 159 1.01 6.29 27.95
CA ASN A 159 0.81 7.01 28.19
CA ASN A 159 1.15 7.74 27.84
C ASN A 159 0.58 7.53 26.78
C ASN A 159 0.80 8.22 26.44
N LEU A 160 1.23 6.90 25.78
N LEU A 160 1.22 7.46 25.43
CA LEU A 160 1.02 7.34 24.42
CA LEU A 160 0.91 7.82 24.04
C LEU A 160 -0.41 7.12 23.96
C LEU A 160 -0.55 7.50 23.69
N TYR A 161 -1.00 5.98 24.33
N TYR A 161 -1.00 6.28 24.03
CA TYR A 161 -2.38 5.72 23.97
CA TYR A 161 -2.40 5.92 23.82
C TYR A 161 -3.32 6.82 24.45
C TYR A 161 -3.31 6.94 24.49
N ASP A 162 -3.16 7.24 25.71
N ASP A 162 -3.08 7.22 25.77
CA ASP A 162 -4.05 8.26 26.26
CA ASP A 162 -3.83 8.27 26.46
C ASP A 162 -3.88 9.59 25.53
C ASP A 162 -3.74 9.59 25.69
N LYS A 163 -2.65 9.93 25.16
N LYS A 163 -2.55 9.94 25.19
CA LYS A 163 -2.41 11.18 24.45
CA LYS A 163 -2.40 11.18 24.45
C LYS A 163 -3.01 11.15 23.05
C LYS A 163 -3.12 11.11 23.11
N LEU A 164 -2.98 9.99 22.39
CA LEU A 164 -3.57 9.87 21.06
C LEU A 164 -5.09 10.02 21.12
N VAL A 165 -5.72 9.39 22.11
CA VAL A 165 -7.16 9.50 22.27
C VAL A 165 -7.55 10.93 22.63
N SER A 166 -6.88 11.49 23.63
N SER A 166 -6.86 11.50 23.62
CA SER A 166 -7.28 12.81 24.12
CA SER A 166 -7.25 12.81 24.14
C SER A 166 -7.08 13.90 23.09
C SER A 166 -7.04 13.92 23.13
N SER A 167 -6.10 13.73 22.20
CA SER A 167 -5.80 14.75 21.20
C SER A 167 -6.44 14.47 19.85
N PHE A 168 -7.19 13.38 19.72
CA PHE A 168 -7.74 13.03 18.41
C PHE A 168 -8.77 14.07 17.99
N LEU A 169 -8.80 14.37 16.69
CA LEU A 169 -9.78 15.30 16.17
C LEU A 169 -10.77 14.57 15.27
N SER B 1 21.16 7.12 -22.80
N SER B 1 21.15 7.14 -22.80
CA SER B 1 19.90 6.76 -23.48
CA SER B 1 19.88 6.69 -23.43
C SER B 1 18.74 7.59 -22.95
C SER B 1 18.72 7.55 -22.94
N MET B 2 17.63 7.54 -23.69
N MET B 2 17.64 7.52 -23.71
CA MET B 2 16.48 8.41 -23.46
CA MET B 2 16.48 8.37 -23.46
C MET B 2 15.33 7.55 -22.98
C MET B 2 15.36 7.47 -22.96
N VAL B 3 14.96 7.71 -21.71
CA VAL B 3 13.82 7.02 -21.11
C VAL B 3 12.93 8.06 -20.45
N ASN B 4 11.66 7.70 -20.28
CA ASN B 4 10.68 8.60 -19.67
C ASN B 4 10.70 9.96 -20.34
N SER B 5 10.77 9.97 -21.67
CA SER B 5 10.82 11.21 -22.44
C SER B 5 9.41 11.55 -22.92
N PHE B 6 8.60 12.00 -21.97
CA PHE B 6 7.22 12.40 -22.23
C PHE B 6 7.23 13.78 -22.88
N SER B 7 6.44 13.94 -23.93
CA SER B 7 6.40 15.18 -24.69
C SER B 7 4.97 15.49 -25.11
N GLY B 8 4.61 16.77 -25.04
CA GLY B 8 3.32 17.21 -25.51
C GLY B 8 2.17 16.96 -24.58
N TYR B 9 2.42 16.77 -23.29
CA TYR B 9 1.36 16.57 -22.33
C TYR B 9 0.85 17.89 -21.78
N LEU B 10 -0.45 17.92 -21.50
CA LEU B 10 -1.09 19.05 -20.85
C LEU B 10 -1.11 18.79 -19.36
N LYS B 11 -0.65 19.78 -18.59
CA LYS B 11 -0.63 19.68 -17.14
C LYS B 11 -2.04 19.92 -16.59
N LEU B 12 -2.56 18.96 -15.83
CA LEU B 12 -3.80 19.14 -15.09
C LEU B 12 -3.57 19.54 -13.64
N THR B 13 -2.67 18.83 -12.96
CA THR B 13 -2.22 19.18 -11.63
C THR B 13 -0.70 19.07 -11.62
N ASP B 14 -0.10 19.33 -10.45
N ASP B 14 -0.10 19.33 -10.45
CA ASP B 14 1.35 19.28 -10.35
CA ASP B 14 1.35 19.27 -10.34
C ASP B 14 1.90 17.91 -10.76
C ASP B 14 1.93 17.90 -10.65
N ASN B 15 1.11 16.84 -10.61
CA ASN B 15 1.61 15.50 -10.88
C ASN B 15 0.81 14.71 -11.92
N VAL B 16 -0.28 15.25 -12.46
CA VAL B 16 -1.11 14.54 -13.43
C VAL B 16 -1.08 15.30 -14.74
N TYR B 17 -0.70 14.59 -15.82
CA TYR B 17 -0.57 15.13 -17.16
C TYR B 17 -1.39 14.28 -18.11
N ILE B 18 -1.82 14.86 -19.23
CA ILE B 18 -2.72 14.17 -20.14
C ILE B 18 -2.39 14.51 -21.58
N LYS B 19 -2.58 13.53 -22.46
CA LYS B 19 -2.27 13.69 -23.88
C LYS B 19 -3.25 12.86 -24.71
N ASN B 20 -3.63 13.39 -25.87
CA ASN B 20 -4.41 12.63 -26.85
C ASN B 20 -3.43 11.76 -27.62
N ALA B 21 -3.40 10.45 -27.33
CA ALA B 21 -2.38 9.58 -27.91
C ALA B 21 -2.80 8.12 -27.77
N ASP B 22 -2.24 7.31 -28.66
CA ASP B 22 -2.31 5.85 -28.61
C ASP B 22 -1.24 5.36 -27.64
N ILE B 23 -1.66 4.70 -26.56
CA ILE B 23 -0.74 4.35 -25.48
C ILE B 23 0.38 3.43 -25.95
N VAL B 24 0.12 2.56 -26.94
CA VAL B 24 1.17 1.69 -27.48
C VAL B 24 2.21 2.53 -28.21
N GLU B 25 1.76 3.42 -29.10
CA GLU B 25 2.70 4.28 -29.80
C GLU B 25 3.45 5.18 -28.82
N GLU B 26 2.75 5.67 -27.79
CA GLU B 26 3.40 6.50 -26.78
C GLU B 26 4.48 5.70 -26.05
N ALA B 27 4.16 4.47 -25.63
CA ALA B 27 5.14 3.66 -24.92
C ALA B 27 6.40 3.46 -25.77
N LYS B 28 6.22 3.18 -27.07
CA LYS B 28 7.38 2.93 -27.92
C LYS B 28 8.21 4.19 -28.10
N LYS B 29 7.59 5.36 -28.06
CA LYS B 29 8.34 6.60 -28.24
C LYS B 29 8.94 7.13 -26.93
N VAL B 30 8.18 7.03 -25.83
CA VAL B 30 8.59 7.61 -24.55
C VAL B 30 9.63 6.75 -23.83
N LYS B 31 9.57 5.44 -24.05
CA LYS B 31 10.41 4.47 -23.37
C LYS B 31 10.24 4.58 -21.86
N PRO B 32 9.01 4.41 -21.34
CA PRO B 32 8.78 4.60 -19.91
C PRO B 32 9.33 3.46 -19.09
N THR B 33 9.70 3.78 -17.84
CA THR B 33 10.00 2.74 -16.86
C THR B 33 8.80 1.85 -16.62
N VAL B 34 7.60 2.44 -16.57
CA VAL B 34 6.37 1.72 -16.22
C VAL B 34 5.28 2.11 -17.19
N VAL B 35 4.67 1.13 -17.86
CA VAL B 35 3.38 1.31 -18.51
C VAL B 35 2.33 0.56 -17.71
N VAL B 36 1.18 1.19 -17.49
CA VAL B 36 0.08 0.57 -16.78
C VAL B 36 -0.83 -0.14 -17.77
N ASN B 37 -1.19 -1.38 -17.45
CA ASN B 37 -2.23 -2.11 -18.17
C ASN B 37 -3.54 -2.06 -17.40
N ALA B 38 -4.64 -1.88 -18.14
CA ALA B 38 -6.00 -2.00 -17.64
C ALA B 38 -6.36 -3.48 -17.61
N ALA B 39 -5.91 -4.15 -16.55
CA ALA B 39 -5.96 -5.60 -16.42
C ALA B 39 -7.26 -6.06 -15.77
N ASN B 40 -7.51 -7.36 -15.87
CA ASN B 40 -8.50 -8.07 -15.07
C ASN B 40 -7.80 -9.08 -14.16
N VAL B 41 -8.57 -9.69 -13.26
CA VAL B 41 -7.97 -10.46 -12.17
C VAL B 41 -7.21 -11.68 -12.67
N TYR B 42 -7.60 -12.25 -13.81
CA TYR B 42 -6.91 -13.39 -14.38
C TYR B 42 -5.91 -13.01 -15.47
N LEU B 43 -5.63 -11.72 -15.63
CA LEU B 43 -4.66 -11.25 -16.61
C LEU B 43 -4.92 -11.84 -17.99
N LYS B 44 -6.19 -11.84 -18.39
CA LYS B 44 -6.59 -12.27 -19.72
C LYS B 44 -6.76 -11.02 -20.57
N HIS B 45 -5.81 -10.78 -21.46
CA HIS B 45 -5.66 -9.50 -22.14
C HIS B 45 -6.40 -9.52 -23.46
N GLY B 46 -7.73 -9.49 -23.37
N GLY B 46 -7.72 -9.51 -23.37
CA GLY B 46 -8.57 -9.67 -24.54
CA GLY B 46 -8.55 -9.65 -24.55
C GLY B 46 -8.92 -8.44 -25.34
C GLY B 46 -8.76 -8.36 -25.32
N GLY B 47 -9.36 -7.36 -24.67
CA GLY B 47 -9.87 -6.19 -25.36
C GLY B 47 -9.29 -4.89 -24.85
N GLY B 48 -9.72 -3.80 -25.47
CA GLY B 48 -9.32 -2.49 -25.01
C GLY B 48 -7.82 -2.36 -24.90
N VAL B 49 -7.38 -1.66 -23.85
CA VAL B 49 -5.96 -1.40 -23.64
C VAL B 49 -5.17 -2.70 -23.52
N ALA B 50 -5.68 -3.66 -22.74
CA ALA B 50 -4.92 -4.89 -22.51
C ALA B 50 -4.72 -5.65 -23.81
N GLY B 51 -5.75 -5.73 -24.64
CA GLY B 51 -5.58 -6.41 -25.91
C GLY B 51 -4.54 -5.72 -26.79
N ALA B 52 -4.54 -4.39 -26.80
CA ALA B 52 -3.58 -3.67 -27.62
C ALA B 52 -2.16 -3.85 -27.12
N LEU B 53 -1.95 -3.74 -25.79
CA LEU B 53 -0.61 -3.94 -25.25
C LEU B 53 -0.12 -5.35 -25.55
N ASN B 54 -0.96 -6.35 -25.31
CA ASN B 54 -0.52 -7.72 -25.53
C ASN B 54 -0.20 -7.96 -27.01
N LYS B 55 -1.03 -7.45 -27.91
CA LYS B 55 -0.75 -7.60 -29.33
C LYS B 55 0.59 -6.99 -29.70
N ALA B 56 0.91 -5.83 -29.12
CA ALA B 56 2.18 -5.19 -29.43
C ALA B 56 3.37 -6.06 -29.01
N THR B 57 3.20 -6.87 -27.95
CA THR B 57 4.23 -7.78 -27.50
C THR B 57 4.22 -9.12 -28.23
N ASN B 58 3.41 -9.24 -29.28
CA ASN B 58 3.29 -10.50 -30.02
C ASN B 58 2.93 -11.66 -29.10
N ASN B 59 2.02 -11.39 -28.14
CA ASN B 59 1.46 -12.37 -27.20
C ASN B 59 2.43 -12.74 -26.08
N ALA B 60 3.64 -12.18 -26.04
CA ALA B 60 4.56 -12.52 -24.95
C ALA B 60 4.00 -12.12 -23.60
N MET B 61 3.27 -11.00 -23.55
CA MET B 61 2.65 -10.58 -22.30
C MET B 61 1.65 -11.62 -21.80
N GLN B 62 0.85 -12.20 -22.71
CA GLN B 62 -0.14 -13.18 -22.28
C GLN B 62 0.53 -14.46 -21.78
N VAL B 63 1.58 -14.92 -22.46
CA VAL B 63 2.27 -16.13 -22.01
C VAL B 63 2.85 -15.91 -20.61
N GLU B 64 3.51 -14.77 -20.41
CA GLU B 64 4.08 -14.45 -19.10
C GLU B 64 2.98 -14.34 -18.04
N SER B 65 1.85 -13.75 -18.41
CA SER B 65 0.74 -13.57 -17.48
C SER B 65 0.14 -14.90 -17.05
N ASP B 66 -0.06 -15.82 -18.00
CA ASP B 66 -0.62 -17.13 -17.65
C ASP B 66 0.30 -17.86 -16.67
N ASP B 67 1.62 -17.75 -16.87
CA ASP B 67 2.55 -18.35 -15.93
C ASP B 67 2.46 -17.70 -14.55
N TYR B 68 2.34 -16.37 -14.51
CA TYR B 68 2.16 -15.67 -13.24
C TYR B 68 0.92 -16.20 -12.50
N ILE B 69 -0.18 -16.36 -13.24
CA ILE B 69 -1.43 -16.83 -12.62
C ILE B 69 -1.28 -18.26 -12.11
N ALA B 70 -0.63 -19.12 -12.89
CA ALA B 70 -0.41 -20.50 -12.43
C ALA B 70 0.31 -20.52 -11.09
N THR B 71 1.29 -19.63 -10.91
CA THR B 71 2.10 -19.63 -9.69
C THR B 71 1.40 -18.92 -8.54
N ASN B 72 0.65 -17.85 -8.82
CA ASN B 72 0.18 -16.92 -7.80
C ASN B 72 -1.33 -16.85 -7.65
N GLY B 73 -2.11 -17.35 -8.60
CA GLY B 73 -3.53 -17.18 -8.56
C GLY B 73 -3.94 -15.77 -8.98
N PRO B 74 -5.24 -15.54 -9.05
CA PRO B 74 -5.74 -14.26 -9.57
C PRO B 74 -5.45 -13.11 -8.62
N LEU B 75 -5.40 -11.92 -9.20
CA LEU B 75 -5.31 -10.69 -8.44
C LEU B 75 -6.65 -10.39 -7.77
N LYS B 76 -6.64 -9.42 -6.87
CA LYS B 76 -7.85 -8.82 -6.32
C LYS B 76 -8.26 -7.62 -7.17
N VAL B 77 -9.57 -7.41 -7.31
CA VAL B 77 -10.03 -6.14 -7.86
C VAL B 77 -9.52 -5.02 -6.94
N GLY B 78 -8.87 -4.02 -7.54
CA GLY B 78 -8.18 -2.99 -6.81
C GLY B 78 -6.70 -3.24 -6.62
N GLY B 79 -6.22 -4.44 -6.96
CA GLY B 79 -4.83 -4.80 -6.79
C GLY B 79 -4.03 -4.71 -8.09
N SER B 80 -2.76 -5.13 -8.00
CA SER B 80 -1.86 -5.02 -9.13
C SER B 80 -0.72 -6.04 -9.01
N CYS B 81 -0.01 -6.23 -10.11
CA CYS B 81 1.28 -6.90 -10.09
C CYS B 81 2.20 -6.26 -11.11
N VAL B 82 3.51 -6.38 -10.87
CA VAL B 82 4.53 -5.89 -11.77
C VAL B 82 5.07 -7.07 -12.57
N LEU B 83 5.01 -6.95 -13.89
CA LEU B 83 5.59 -7.93 -14.81
C LEU B 83 6.48 -7.18 -15.82
N SER B 84 7.04 -7.92 -16.76
CA SER B 84 7.90 -7.28 -17.77
C SER B 84 7.09 -6.33 -18.65
N GLY B 85 7.76 -5.29 -19.12
CA GLY B 85 7.21 -4.41 -20.12
C GLY B 85 7.55 -4.77 -21.55
N HIS B 86 8.32 -5.83 -21.79
CA HIS B 86 8.55 -6.36 -23.14
C HIS B 86 9.12 -5.26 -24.04
N ASN B 87 8.52 -5.00 -25.20
CA ASN B 87 8.99 -3.96 -26.11
C ASN B 87 8.33 -2.62 -25.84
N LEU B 88 7.63 -2.47 -24.71
CA LEU B 88 6.87 -1.27 -24.40
C LEU B 88 7.48 -0.42 -23.29
N ALA B 89 8.15 -1.04 -22.34
CA ALA B 89 8.54 -0.38 -21.11
C ALA B 89 9.48 -1.32 -20.37
N LYS B 90 10.17 -0.79 -19.36
CA LYS B 90 10.90 -1.70 -18.47
C LYS B 90 9.95 -2.68 -17.81
N HIS B 91 8.87 -2.15 -17.21
CA HIS B 91 7.88 -2.93 -16.48
C HIS B 91 6.48 -2.59 -16.98
N CYS B 92 5.60 -3.57 -16.88
CA CYS B 92 4.16 -3.34 -16.98
C CYS B 92 3.54 -3.54 -15.61
N LEU B 93 2.86 -2.50 -15.12
CA LEU B 93 2.08 -2.58 -13.89
C LEU B 93 0.64 -2.94 -14.29
N HIS B 94 0.25 -4.17 -14.03
CA HIS B 94 -1.09 -4.65 -14.36
C HIS B 94 -2.00 -4.26 -13.19
N VAL B 95 -2.93 -3.32 -13.39
CA VAL B 95 -3.78 -2.81 -12.34
C VAL B 95 -5.23 -3.17 -12.66
N VAL B 96 -5.94 -3.73 -11.69
CA VAL B 96 -7.32 -4.14 -11.88
C VAL B 96 -8.25 -3.08 -11.28
N GLY B 97 -8.84 -2.24 -12.13
CA GLY B 97 -9.92 -1.38 -11.72
C GLY B 97 -11.24 -2.14 -11.77
N PRO B 98 -12.25 -1.66 -11.04
CA PRO B 98 -13.57 -2.30 -11.11
C PRO B 98 -14.17 -2.19 -12.50
N ASN B 99 -14.81 -3.26 -12.93
CA ASN B 99 -15.51 -3.29 -14.20
C ASN B 99 -17.01 -3.11 -13.93
N VAL B 100 -17.51 -1.89 -14.18
N VAL B 100 -17.51 -1.90 -14.18
CA VAL B 100 -18.93 -1.62 -13.94
CA VAL B 100 -18.92 -1.61 -13.94
C VAL B 100 -19.81 -2.46 -14.87
C VAL B 100 -19.81 -2.44 -14.87
N ASN B 101 -19.33 -2.74 -16.09
CA ASN B 101 -20.09 -3.59 -17.01
C ASN B 101 -20.22 -5.02 -16.49
N LYS B 102 -19.42 -5.41 -15.50
CA LYS B 102 -19.56 -6.69 -14.80
C LYS B 102 -20.19 -6.52 -13.42
N GLY B 103 -20.70 -5.33 -13.10
CA GLY B 103 -21.36 -5.09 -11.84
C GLY B 103 -20.45 -4.87 -10.65
N GLU B 104 -19.15 -4.72 -10.87
N GLU B 104 -19.15 -4.68 -10.87
CA GLU B 104 -18.21 -4.56 -9.77
CA GLU B 104 -18.23 -4.49 -9.76
C GLU B 104 -18.32 -3.16 -9.18
C GLU B 104 -18.34 -3.07 -9.21
N ASP B 105 -17.92 -3.04 -7.91
N ASP B 105 -17.97 -2.92 -7.94
CA ASP B 105 -18.15 -1.82 -7.14
CA ASP B 105 -18.22 -1.69 -7.20
C ASP B 105 -17.22 -0.71 -7.59
C ASP B 105 -17.24 -0.61 -7.65
N ILE B 106 -17.80 0.37 -8.11
N ILE B 106 -17.80 0.51 -8.14
CA ILE B 106 -17.03 1.52 -8.54
CA ILE B 106 -16.99 1.64 -8.57
C ILE B 106 -16.20 2.12 -7.41
C ILE B 106 -16.17 2.22 -7.42
N GLN B 107 -16.61 1.90 -6.16
N GLN B 107 -16.55 1.94 -6.18
CA GLN B 107 -15.86 2.42 -5.02
CA GLN B 107 -15.81 2.45 -5.03
C GLN B 107 -14.43 1.90 -4.99
C GLN B 107 -14.40 1.88 -4.96
N LEU B 108 -14.14 0.74 -5.60
CA LEU B 108 -12.81 0.14 -5.59
C LEU B 108 -11.83 0.86 -6.51
N LEU B 109 -12.29 1.88 -7.23
CA LEU B 109 -11.41 2.61 -8.15
C LEU B 109 -10.30 3.34 -7.40
N LYS B 110 -10.60 3.89 -6.22
CA LYS B 110 -9.55 4.57 -5.47
C LYS B 110 -8.43 3.61 -5.09
N SER B 111 -8.79 2.43 -4.57
CA SER B 111 -7.78 1.41 -4.25
C SER B 111 -6.93 1.09 -5.47
N ALA B 112 -7.57 0.96 -6.64
CA ALA B 112 -6.83 0.65 -7.85
C ALA B 112 -5.80 1.73 -8.17
N TYR B 113 -6.20 3.00 -8.09
CA TYR B 113 -5.25 4.08 -8.36
C TYR B 113 -4.14 4.16 -7.33
N GLU B 114 -4.38 3.73 -6.08
CA GLU B 114 -3.33 3.77 -5.06
C GLU B 114 -2.11 2.97 -5.50
N ASN B 115 -2.29 1.95 -6.35
CA ASN B 115 -1.13 1.20 -6.83
C ASN B 115 -0.13 2.10 -7.55
N PHE B 116 -0.61 3.15 -8.20
CA PHE B 116 0.28 4.02 -8.96
C PHE B 116 1.30 4.71 -8.04
N ASN B 117 0.95 4.91 -6.76
CA ASN B 117 1.84 5.63 -5.84
C ASN B 117 3.10 4.85 -5.51
N GLN B 118 3.19 3.58 -5.89
CA GLN B 118 4.39 2.79 -5.69
C GLN B 118 5.43 3.00 -6.79
N HIS B 119 5.17 3.90 -7.74
CA HIS B 119 6.06 4.14 -8.88
C HIS B 119 6.21 5.63 -9.09
N GLU B 120 7.45 6.10 -9.24
CA GLU B 120 7.66 7.55 -9.27
C GLU B 120 7.09 8.19 -10.54
N VAL B 121 7.06 7.47 -11.66
CA VAL B 121 6.52 7.98 -12.91
C VAL B 121 5.95 6.82 -13.71
N LEU B 122 4.77 7.05 -14.31
CA LEU B 122 4.06 6.03 -15.06
C LEU B 122 3.41 6.62 -16.31
N LEU B 123 3.35 5.82 -17.37
CA LEU B 123 2.47 6.04 -18.51
C LEU B 123 1.23 5.17 -18.30
N ALA B 124 0.03 5.76 -18.39
CA ALA B 124 -1.15 5.01 -17.97
C ALA B 124 -2.39 5.37 -18.76
N PRO B 125 -3.35 4.46 -18.84
CA PRO B 125 -4.72 4.78 -19.25
C PRO B 125 -5.55 5.17 -18.03
N LEU B 126 -6.73 5.72 -18.28
CA LEU B 126 -7.70 5.95 -17.21
C LEU B 126 -8.31 4.62 -16.78
N LEU B 127 -8.16 4.30 -15.50
CA LEU B 127 -8.65 3.03 -15.00
C LEU B 127 -10.17 2.99 -15.01
N SER B 128 -10.70 1.81 -15.28
CA SER B 128 -12.12 1.49 -15.30
C SER B 128 -12.86 2.20 -16.43
N ALA B 129 -12.16 2.91 -17.31
CA ALA B 129 -12.80 3.58 -18.45
C ALA B 129 -13.03 2.57 -19.58
N GLY B 130 -13.65 3.08 -20.64
CA GLY B 130 -13.76 2.30 -21.86
C GLY B 130 -14.60 1.06 -21.64
N ILE B 131 -14.03 -0.09 -22.02
CA ILE B 131 -14.77 -1.34 -21.93
C ILE B 131 -15.07 -1.74 -20.49
N PHE B 132 -14.45 -1.09 -19.51
CA PHE B 132 -14.76 -1.35 -18.11
C PHE B 132 -15.98 -0.57 -17.61
N GLY B 133 -16.47 0.42 -18.36
CA GLY B 133 -17.79 0.97 -18.14
C GLY B 133 -17.92 2.14 -17.18
N ALA B 134 -16.86 2.57 -16.51
CA ALA B 134 -17.00 3.72 -15.63
C ALA B 134 -16.99 5.02 -16.43
N ASP B 135 -17.49 6.07 -15.79
CA ASP B 135 -17.46 7.40 -16.39
C ASP B 135 -16.01 7.87 -16.42
N PRO B 136 -15.42 8.13 -17.59
CA PRO B 136 -14.02 8.57 -17.61
C PRO B 136 -13.78 9.87 -16.87
N ILE B 137 -14.79 10.76 -16.82
CA ILE B 137 -14.65 11.98 -16.03
C ILE B 137 -14.44 11.64 -14.57
N HIS B 138 -15.20 10.66 -14.07
CA HIS B 138 -15.00 10.23 -12.69
C HIS B 138 -13.64 9.56 -12.50
N SER B 139 -13.21 8.75 -13.47
CA SER B 139 -11.91 8.11 -13.33
C SER B 139 -10.81 9.14 -13.25
N LEU B 140 -10.89 10.20 -14.05
CA LEU B 140 -9.90 11.27 -13.97
C LEU B 140 -9.94 11.95 -12.60
N ARG B 141 -11.15 12.18 -12.08
CA ARG B 141 -11.32 12.75 -10.74
C ARG B 141 -10.61 11.91 -9.69
N VAL B 142 -10.88 10.61 -9.69
CA VAL B 142 -10.26 9.74 -8.70
C VAL B 142 -8.74 9.71 -8.89
N CYS B 143 -8.28 9.70 -10.14
CA CYS B 143 -6.85 9.73 -10.40
C CYS B 143 -6.21 10.97 -9.76
N VAL B 144 -6.76 12.14 -10.04
CA VAL B 144 -6.18 13.37 -9.51
C VAL B 144 -6.22 13.41 -7.99
N ASP B 145 -7.27 12.86 -7.39
CA ASP B 145 -7.45 12.90 -5.95
C ASP B 145 -6.73 11.78 -5.22
N THR B 146 -6.10 10.86 -5.93
CA THR B 146 -5.47 9.69 -5.32
C THR B 146 -3.99 9.55 -5.65
N VAL B 147 -3.62 9.76 -6.91
CA VAL B 147 -2.23 9.57 -7.33
C VAL B 147 -1.44 10.82 -6.96
N ARG B 148 -0.28 10.60 -6.33
CA ARG B 148 0.65 11.66 -5.97
C ARG B 148 1.95 11.60 -6.75
N THR B 149 2.28 10.45 -7.33
CA THR B 149 3.44 10.31 -8.19
C THR B 149 3.09 10.84 -9.59
N ASN B 150 4.06 10.86 -10.49
CA ASN B 150 3.90 11.52 -11.77
C ASN B 150 3.23 10.58 -12.76
N VAL B 151 2.01 10.89 -13.15
CA VAL B 151 1.24 10.03 -14.05
C VAL B 151 0.93 10.77 -15.33
N TYR B 152 1.28 10.14 -16.45
CA TYR B 152 1.09 10.64 -17.80
C TYR B 152 -0.01 9.79 -18.44
N LEU B 153 -1.19 10.39 -18.60
CA LEU B 153 -2.37 9.70 -19.10
C LEU B 153 -2.47 9.82 -20.61
N ALA B 154 -2.69 8.69 -21.27
CA ALA B 154 -2.90 8.63 -22.71
C ALA B 154 -4.37 8.36 -22.98
N VAL B 155 -5.01 9.24 -23.73
CA VAL B 155 -6.42 9.11 -24.11
C VAL B 155 -6.47 9.03 -25.64
N PHE B 156 -6.97 7.91 -26.15
CA PHE B 156 -6.91 7.65 -27.59
C PHE B 156 -7.84 8.56 -28.40
N ASP B 157 -9.09 8.69 -27.99
CA ASP B 157 -10.07 9.42 -28.77
C ASP B 157 -9.98 10.91 -28.48
N LYS B 158 -9.67 11.71 -29.52
CA LYS B 158 -9.59 13.17 -29.38
C LYS B 158 -10.86 13.74 -28.75
N ASN B 159 -12.03 13.21 -29.12
CA ASN B 159 -13.27 13.77 -28.59
C ASN B 159 -13.44 13.48 -27.10
N LEU B 160 -12.99 12.31 -26.62
CA LEU B 160 -13.02 12.07 -25.19
C LEU B 160 -11.97 12.92 -24.48
N TYR B 161 -10.78 13.03 -25.08
CA TYR B 161 -9.75 13.91 -24.54
C TYR B 161 -10.30 15.31 -24.31
N ASP B 162 -10.96 15.85 -25.34
CA ASP B 162 -11.52 17.20 -25.22
C ASP B 162 -12.56 17.29 -24.11
N LYS B 163 -13.41 16.26 -23.99
CA LYS B 163 -14.42 16.27 -22.93
C LYS B 163 -13.76 16.25 -21.55
N LEU B 164 -12.69 15.46 -21.40
CA LEU B 164 -11.98 15.35 -20.13
C LEU B 164 -11.30 16.67 -19.77
N VAL B 165 -10.57 17.26 -20.72
CA VAL B 165 -9.84 18.48 -20.44
C VAL B 165 -10.80 19.65 -20.22
N SER B 166 -11.77 19.79 -21.12
CA SER B 166 -12.65 20.95 -21.08
C SER B 166 -13.50 20.96 -19.82
N SER B 167 -13.79 19.80 -19.24
CA SER B 167 -14.63 19.71 -18.05
C SER B 167 -13.84 19.61 -16.74
N PHE B 168 -12.52 19.45 -16.80
CA PHE B 168 -11.75 19.29 -15.56
C PHE B 168 -11.73 20.56 -14.72
N LEU B 169 -11.74 21.72 -15.39
CA LEU B 169 -11.71 23.01 -14.71
C LEU B 169 -12.48 24.08 -15.46
#